data_7XB7
#
_entry.id   7XB7
#
_cell.length_a   40.276
_cell.length_b   72.959
_cell.length_c   167.956
_cell.angle_alpha   90.000
_cell.angle_beta   90.000
_cell.angle_gamma   90.000
#
_symmetry.space_group_name_H-M   'P 21 21 21'
#
loop_
_entity.id
_entity.type
_entity.pdbx_description
1 polymer 'Phosphoglycerate mutase 1'
2 non-polymer 'CHLORIDE ION'
3 non-polymer '3-[[5-(cyclopenten-1-yl)-2-(methylcarbamoyl)phenyl]sulfamoyl]benzenesulfonic acid'
4 water water
#
_entity_poly.entity_id   1
_entity_poly.type   'polypeptide(L)'
_entity_poly.pdbx_seq_one_letter_code
;MAAYKLVLIRHGESAWNLENRFSGWYDADLSPAGHEEAKRGGQALRDAGYEFDICFTSVQKRAIRTLWTVLDAIDQMWLP
VVRTWRLNERHYGGLTGLNKAETAAKHGEAQVKIWRRSYDVPPPPMEPDHPFYSNISKDRRYADLTEDQLPSCESLKDTI
ARALPFWNEEIVPQIKEGKRVLIAAHGNSLRGIVKHLEGLSEEAIMELNLPTGIPIVYELDKNLKPIKPMQFLGDEETVR
KAMEAVAAQGKAKKLEHHHHHH
;
_entity_poly.pdbx_strand_id   B,C
#
# COMPACT_ATOMS: atom_id res chain seq x y z
N ALA A 3 -15.31 -18.81 14.89
CA ALA A 3 -14.21 -17.95 15.27
C ALA A 3 -13.74 -17.18 14.02
N TYR A 4 -13.61 -15.87 14.19
CA TYR A 4 -12.89 -14.99 13.29
C TYR A 4 -11.89 -14.24 14.13
N LYS A 5 -10.81 -13.77 13.49
CA LYS A 5 -9.83 -12.94 14.19
C LYS A 5 -9.65 -11.64 13.43
N LEU A 6 -9.71 -10.55 14.16
CA LEU A 6 -9.57 -9.21 13.61
C LEU A 6 -8.43 -8.53 14.33
N VAL A 7 -7.63 -7.74 13.61
CA VAL A 7 -6.56 -6.98 14.24
C VAL A 7 -6.68 -5.51 13.84
N LEU A 8 -6.56 -4.63 14.82
CA LEU A 8 -6.52 -3.19 14.63
C LEU A 8 -5.17 -2.66 15.08
N ILE A 9 -4.74 -1.57 14.47
CA ILE A 9 -3.57 -0.87 14.99
C ILE A 9 -3.77 0.64 14.77
N ARG A 10 -3.43 1.39 15.80
CA ARG A 10 -3.50 2.84 15.79
C ARG A 10 -2.10 3.41 15.58
N HIS A 11 -1.96 4.34 14.62
CA HIS A 11 -0.64 4.89 14.33
C HIS A 11 -0.09 5.64 15.54
N GLY A 12 1.22 5.79 15.58
CA GLY A 12 1.90 6.51 16.64
C GLY A 12 2.09 8.00 16.34
N GLU A 13 3.07 8.56 17.02
CA GLU A 13 3.30 10.01 17.03
C GLU A 13 3.54 10.56 15.63
N SER A 14 3.01 11.76 15.38
CA SER A 14 3.16 12.46 14.11
C SER A 14 4.03 13.71 14.30
N ALA A 15 4.42 14.31 13.17
CA ALA A 15 5.21 15.54 13.19
C ALA A 15 4.44 16.68 13.86
N TRP A 16 3.10 16.73 13.71
CA TRP A 16 2.33 17.77 14.38
C TRP A 16 2.07 17.48 15.85
N ASN A 17 2.08 16.21 16.27
CA ASN A 17 2.06 15.92 17.70
C ASN A 17 3.24 16.59 18.40
N LEU A 18 4.39 16.71 17.73
CA LEU A 18 5.56 17.31 18.36
C LEU A 18 5.42 18.81 18.53
N GLU A 19 4.47 19.46 17.84
CA GLU A 19 4.15 20.85 18.07
C GLU A 19 2.87 21.04 18.88
N ASN A 20 2.28 19.94 19.35
CA ASN A 20 1.03 19.99 20.09
C ASN A 20 -0.06 20.78 19.36
N ARG A 21 -0.15 20.58 18.04
CA ARG A 21 -1.22 21.20 17.25
C ARG A 21 -2.17 20.13 16.72
N PHE A 22 -3.46 20.48 16.66
CA PHE A 22 -4.49 19.55 16.21
C PHE A 22 -4.30 19.24 14.72
N SER A 23 -4.24 17.95 14.39
CA SER A 23 -4.04 17.52 13.00
C SER A 23 -5.36 17.27 12.30
N GLY A 24 -6.20 16.40 12.87
CA GLY A 24 -7.44 16.03 12.22
C GLY A 24 -7.14 15.48 10.82
N TRP A 25 -7.81 16.08 9.83
CA TRP A 25 -7.63 15.66 8.43
C TRP A 25 -6.34 16.17 7.80
N TYR A 26 -5.62 17.10 8.44
CA TYR A 26 -4.32 17.48 7.91
C TYR A 26 -3.42 16.25 7.87
N ASP A 27 -2.69 16.11 6.76
CA ASP A 27 -1.98 14.86 6.45
C ASP A 27 -0.55 14.86 7.00
N ALA A 28 -0.43 14.97 8.33
CA ALA A 28 0.90 14.94 8.94
C ALA A 28 1.51 13.54 8.90
N ASP A 29 2.83 13.49 8.74
CA ASP A 29 3.58 12.24 8.66
C ASP A 29 4.06 11.79 10.05
N LEU A 30 4.40 10.51 10.14
CA LEU A 30 4.95 9.97 11.38
C LEU A 30 6.26 10.66 11.74
N SER A 31 6.45 10.86 13.04
CA SER A 31 7.74 11.23 13.59
C SER A 31 8.64 10.00 13.66
N PRO A 32 9.93 10.16 13.97
CA PRO A 32 10.77 8.97 14.18
C PRO A 32 10.18 8.01 15.19
N ALA A 33 9.65 8.54 16.30
CA ALA A 33 9.03 7.73 17.33
C ALA A 33 7.79 7.01 16.82
N GLY A 34 6.90 7.71 16.10
CA GLY A 34 5.72 7.06 15.57
C GLY A 34 6.08 5.93 14.62
N HIS A 35 7.13 6.14 13.81
CA HIS A 35 7.54 5.10 12.87
C HIS A 35 8.12 3.90 13.61
N GLU A 36 8.94 4.16 14.65
CA GLU A 36 9.41 3.07 15.51
C GLU A 36 8.24 2.29 16.09
N GLU A 37 7.18 2.98 16.54
CA GLU A 37 6.04 2.27 17.09
C GLU A 37 5.42 1.34 16.05
N ALA A 38 5.29 1.82 14.81
CA ALA A 38 4.80 0.95 13.75
C ALA A 38 5.70 -0.28 13.59
N LYS A 39 7.01 -0.06 13.63
CA LYS A 39 7.96 -1.16 13.47
C LYS A 39 7.80 -2.19 14.60
N ARG A 40 7.68 -1.72 15.83
CA ARG A 40 7.55 -2.61 16.97
C ARG A 40 6.27 -3.42 16.87
N GLY A 41 5.17 -2.78 16.46
CA GLY A 41 3.92 -3.52 16.32
C GLY A 41 4.00 -4.59 15.24
N GLY A 42 4.54 -4.23 14.08
CA GLY A 42 4.76 -5.22 13.03
C GLY A 42 5.60 -6.39 13.50
N GLN A 43 6.68 -6.10 14.24
CA GLN A 43 7.52 -7.19 14.71
C GLN A 43 6.81 -8.05 15.75
N ALA A 44 5.92 -7.46 16.56
CA ALA A 44 5.11 -8.28 17.45
C ALA A 44 4.20 -9.22 16.65
N LEU A 45 3.59 -8.70 15.59
CA LEU A 45 2.75 -9.55 14.74
C LEU A 45 3.57 -10.65 14.09
N ARG A 46 4.81 -10.34 13.69
CA ARG A 46 5.65 -11.34 13.04
C ARG A 46 6.09 -12.43 14.02
N ASP A 47 6.48 -12.05 15.22
CA ASP A 47 6.92 -13.00 16.22
C ASP A 47 5.81 -13.97 16.60
N ALA A 48 4.57 -13.51 16.56
CA ALA A 48 3.42 -14.35 16.85
C ALA A 48 2.90 -15.07 15.62
N GLY A 49 3.53 -14.88 14.45
CA GLY A 49 3.09 -15.55 13.24
C GLY A 49 1.75 -15.11 12.69
N TYR A 50 1.33 -13.87 12.91
CA TYR A 50 0.04 -13.43 12.41
C TYR A 50 0.06 -13.31 10.89
N GLU A 51 -1.07 -13.67 10.27
CA GLU A 51 -1.21 -13.54 8.82
C GLU A 51 -2.52 -12.84 8.49
N PHE A 52 -2.51 -12.04 7.44
CA PHE A 52 -3.70 -11.32 7.00
C PHE A 52 -4.02 -11.66 5.56
N ASP A 53 -5.25 -11.34 5.15
CA ASP A 53 -5.66 -11.54 3.78
C ASP A 53 -6.03 -10.26 3.07
N ILE A 54 -6.39 -9.21 3.80
CA ILE A 54 -6.74 -7.92 3.22
C ILE A 54 -6.56 -6.86 4.28
N CYS A 55 -6.19 -5.65 3.86
CA CYS A 55 -5.88 -4.56 4.77
C CYS A 55 -6.73 -3.35 4.43
N PHE A 56 -7.15 -2.61 5.47
CA PHE A 56 -7.93 -1.38 5.35
C PHE A 56 -7.22 -0.27 6.12
N THR A 57 -7.11 0.91 5.51
CA THR A 57 -6.51 2.07 6.15
C THR A 57 -7.21 3.32 5.62
N SER A 58 -6.80 4.49 6.11
CA SER A 58 -7.41 5.76 5.72
C SER A 58 -6.72 6.31 4.47
N VAL A 59 -7.00 7.57 4.11
CA VAL A 59 -6.23 8.21 3.05
C VAL A 59 -5.13 9.10 3.63
N GLN A 60 -4.78 8.90 4.90
CA GLN A 60 -3.83 9.75 5.59
C GLN A 60 -2.53 9.00 5.83
N LYS A 61 -1.41 9.64 5.50
CA LYS A 61 -0.13 8.93 5.44
C LYS A 61 0.39 8.45 6.79
N ARG A 62 0.01 9.03 7.92
CA ARG A 62 0.53 8.45 9.17
C ARG A 62 -0.04 7.04 9.39
N ALA A 63 -1.31 6.85 9.01
CA ALA A 63 -1.89 5.51 9.08
C ALA A 63 -1.36 4.61 7.96
N ILE A 64 -1.29 5.14 6.73
CA ILE A 64 -0.83 4.33 5.59
C ILE A 64 0.61 3.88 5.81
N ARG A 65 1.47 4.79 6.25
CA ARG A 65 2.87 4.41 6.52
C ARG A 65 2.97 3.43 7.68
N THR A 66 2.10 3.55 8.70
CA THR A 66 2.04 2.50 9.72
C THR A 66 1.68 1.14 9.11
N LEU A 67 0.67 1.12 8.24
CA LEU A 67 0.33 -0.13 7.56
C LEU A 67 1.52 -0.66 6.77
N TRP A 68 2.18 0.22 6.01
CA TRP A 68 3.31 -0.21 5.18
C TRP A 68 4.40 -0.85 6.04
N THR A 69 4.77 -0.18 7.13
CA THR A 69 5.80 -0.70 8.03
C THR A 69 5.41 -2.05 8.59
N VAL A 70 4.14 -2.22 8.96
CA VAL A 70 3.68 -3.50 9.48
C VAL A 70 3.81 -4.58 8.41
N LEU A 71 3.35 -4.28 7.18
CA LEU A 71 3.40 -5.26 6.11
C LEU A 71 4.84 -5.65 5.78
N ASP A 72 5.75 -4.68 5.82
CA ASP A 72 7.17 -4.96 5.64
C ASP A 72 7.65 -5.94 6.71
N ALA A 73 7.33 -5.65 7.97
CA ALA A 73 7.84 -6.44 9.09
C ALA A 73 7.35 -7.88 9.05
N ILE A 74 6.11 -8.10 8.60
CA ILE A 74 5.53 -9.43 8.58
C ILE A 74 5.65 -10.09 7.21
N ASP A 75 6.40 -9.48 6.28
CA ASP A 75 6.66 -10.03 4.94
C ASP A 75 5.36 -10.28 4.17
N GLN A 76 4.44 -9.33 4.24
CA GLN A 76 3.15 -9.49 3.59
C GLN A 76 2.80 -8.25 2.78
N MET A 77 3.83 -7.66 2.14
CA MET A 77 3.65 -6.48 1.31
C MET A 77 2.79 -6.75 0.09
N TRP A 78 2.59 -8.02 -0.27
CA TRP A 78 1.82 -8.40 -1.44
C TRP A 78 0.31 -8.40 -1.18
N LEU A 79 -0.12 -8.17 0.06
CA LEU A 79 -1.53 -8.21 0.40
C LEU A 79 -2.28 -7.06 -0.25
N PRO A 80 -3.54 -7.28 -0.62
CA PRO A 80 -4.38 -6.16 -1.08
C PRO A 80 -4.60 -5.14 0.03
N VAL A 81 -4.50 -3.86 -0.35
CA VAL A 81 -4.71 -2.73 0.54
C VAL A 81 -5.85 -1.88 -0.02
N VAL A 82 -6.73 -1.41 0.89
CA VAL A 82 -7.88 -0.58 0.55
C VAL A 82 -7.82 0.68 1.42
N ARG A 83 -7.77 1.86 0.78
CA ARG A 83 -7.82 3.13 1.50
C ARG A 83 -9.22 3.74 1.39
N THR A 84 -9.70 4.32 2.50
CA THR A 84 -10.96 5.02 2.50
C THR A 84 -10.87 6.23 3.42
N TRP A 85 -11.38 7.37 2.94
CA TRP A 85 -11.55 8.52 3.81
C TRP A 85 -12.40 8.19 5.04
N ARG A 86 -13.27 7.18 4.96
CA ARG A 86 -14.15 6.87 6.09
C ARG A 86 -13.38 6.38 7.32
N LEU A 87 -12.11 6.07 7.20
CA LEU A 87 -11.31 5.65 8.34
C LEU A 87 -10.38 6.74 8.83
N ASN A 88 -10.43 7.93 8.21
CA ASN A 88 -9.61 9.08 8.59
C ASN A 88 -9.80 9.43 10.06
N GLU A 89 -8.84 10.18 10.59
CA GLU A 89 -9.00 10.83 11.89
C GLU A 89 -10.22 11.75 11.93
N ARG A 90 -10.80 11.89 13.11
CA ARG A 90 -11.86 12.87 13.33
C ARG A 90 -11.46 14.23 12.75
N HIS A 91 -12.37 14.85 12.02
CA HIS A 91 -12.07 16.14 11.42
C HIS A 91 -12.08 17.26 12.48
N TYR A 92 -11.08 18.16 12.96
CA TYR A 92 -10.94 19.09 14.04
C TYR A 92 -11.29 20.52 13.58
N GLY A 93 -11.93 20.57 12.30
CA GLY A 93 -12.58 21.81 11.90
C GLY A 93 -11.62 22.99 11.98
N GLY A 94 -12.14 24.12 12.44
CA GLY A 94 -11.31 25.31 12.59
C GLY A 94 -10.17 25.16 13.58
N LEU A 95 -10.18 24.12 14.41
CA LEU A 95 -9.07 23.91 15.32
C LEU A 95 -7.83 23.38 14.62
N THR A 96 -7.99 22.81 13.42
CA THR A 96 -6.87 22.24 12.68
C THR A 96 -5.70 23.22 12.60
N GLY A 97 -4.49 22.74 12.90
CA GLY A 97 -3.31 23.58 12.83
C GLY A 97 -3.02 24.41 14.06
N LEU A 98 -3.98 24.56 14.97
CA LEU A 98 -3.81 25.37 16.17
C LEU A 98 -3.21 24.53 17.27
N ASN A 99 -2.40 25.16 18.12
CA ASN A 99 -1.97 24.46 19.32
C ASN A 99 -2.92 24.78 20.47
N LYS A 100 -2.62 24.27 21.66
CA LYS A 100 -3.60 24.37 22.73
C LYS A 100 -3.74 25.81 23.23
N ALA A 101 -2.62 26.53 23.35
CA ALA A 101 -2.68 27.93 23.78
C ALA A 101 -3.43 28.79 22.77
N GLU A 102 -3.15 28.59 21.47
CA GLU A 102 -3.88 29.31 20.43
C GLU A 102 -5.37 29.01 20.49
N THR A 103 -5.71 27.73 20.67
CA THR A 103 -7.11 27.34 20.76
C THR A 103 -7.79 28.04 21.92
N ALA A 104 -7.12 28.10 23.07
CA ALA A 104 -7.69 28.75 24.24
C ALA A 104 -7.90 30.24 23.98
N ALA A 105 -6.86 30.94 23.53
CA ALA A 105 -6.99 32.36 23.17
C ALA A 105 -8.17 32.61 22.24
N LYS A 106 -8.26 31.85 21.14
CA LYS A 106 -9.26 32.19 20.13
C LYS A 106 -10.68 31.82 20.56
N HIS A 107 -10.85 30.72 21.31
CA HIS A 107 -12.17 30.13 21.49
C HIS A 107 -12.64 30.03 22.93
N GLY A 108 -11.79 30.23 23.91
CA GLY A 108 -12.22 30.25 25.30
C GLY A 108 -12.06 28.93 26.01
N GLU A 109 -11.74 29.03 27.30
CA GLU A 109 -11.71 27.85 28.16
C GLU A 109 -13.06 27.12 28.13
N ALA A 110 -14.16 27.87 28.14
CA ALA A 110 -15.47 27.22 28.28
C ALA A 110 -15.79 26.37 27.06
N GLN A 111 -15.60 26.92 25.86
CA GLN A 111 -15.84 26.13 24.66
C GLN A 111 -14.87 24.96 24.56
N VAL A 112 -13.60 25.17 24.98
CA VAL A 112 -12.65 24.06 24.88
C VAL A 112 -13.07 22.92 25.81
N LYS A 113 -13.49 23.24 27.04
CA LYS A 113 -13.99 22.21 27.94
C LYS A 113 -15.19 21.48 27.34
N ILE A 114 -16.14 22.22 26.77
CA ILE A 114 -17.32 21.59 26.17
C ILE A 114 -16.91 20.66 25.02
N TRP A 115 -16.03 21.14 24.12
CA TRP A 115 -15.65 20.33 22.97
C TRP A 115 -14.87 19.09 23.40
N ARG A 116 -14.04 19.22 24.44
CA ARG A 116 -13.29 18.10 24.97
C ARG A 116 -14.23 17.03 25.52
N ARG A 117 -15.10 17.41 26.46
CA ARG A 117 -15.84 16.39 27.21
C ARG A 117 -17.07 15.87 26.50
N SER A 118 -17.44 16.42 25.34
CA SER A 118 -18.72 16.07 24.73
C SER A 118 -18.57 15.05 23.62
N TYR A 119 -19.62 14.25 23.43
CA TYR A 119 -19.65 13.21 22.41
C TYR A 119 -20.18 13.72 21.08
N ASP A 120 -21.05 14.72 21.13
CA ASP A 120 -21.76 15.13 19.93
C ASP A 120 -21.75 16.64 19.66
N VAL A 121 -20.95 17.42 20.37
CA VAL A 121 -20.79 18.84 20.07
C VAL A 121 -19.55 18.99 19.18
N PRO A 122 -19.70 19.41 17.93
CA PRO A 122 -18.54 19.51 17.04
C PRO A 122 -17.71 20.75 17.36
N PRO A 123 -16.44 20.78 16.96
CA PRO A 123 -15.66 22.01 17.02
C PRO A 123 -16.10 22.95 15.92
N PRO A 124 -15.59 24.18 15.87
CA PRO A 124 -16.09 25.14 14.87
C PRO A 124 -15.74 24.66 13.48
N PRO A 125 -16.52 25.06 12.47
CA PRO A 125 -16.23 24.62 11.10
C PRO A 125 -14.93 25.22 10.57
N MET A 126 -14.28 24.46 9.69
CA MET A 126 -13.11 24.99 8.99
C MET A 126 -13.62 25.79 7.80
N GLU A 127 -13.46 27.12 7.84
CA GLU A 127 -14.03 28.03 6.87
C GLU A 127 -13.03 28.30 5.76
N PRO A 128 -13.50 28.77 4.58
CA PRO A 128 -12.58 29.02 3.46
C PRO A 128 -11.40 29.94 3.79
N ASP A 129 -11.48 30.78 4.81
CA ASP A 129 -10.33 31.58 5.18
C ASP A 129 -9.38 30.87 6.11
N HIS A 130 -9.69 29.66 6.55
CA HIS A 130 -8.78 28.91 7.39
C HIS A 130 -7.50 28.61 6.61
N PRO A 131 -6.33 28.72 7.25
CA PRO A 131 -5.07 28.51 6.49
C PRO A 131 -4.92 27.10 5.97
N PHE A 132 -5.66 26.13 6.48
CA PHE A 132 -5.57 24.77 5.97
C PHE A 132 -6.81 24.35 5.20
N TYR A 133 -7.73 25.29 4.95
CA TYR A 133 -8.93 24.98 4.16
C TYR A 133 -8.56 24.42 2.78
N SER A 134 -7.79 25.17 1.99
CA SER A 134 -7.50 24.72 0.64
C SER A 134 -6.70 23.42 0.67
N ASN A 135 -5.76 23.33 1.61
CA ASN A 135 -4.94 22.13 1.77
C ASN A 135 -5.80 20.88 1.98
N ILE A 136 -6.91 21.00 2.71
CA ILE A 136 -7.68 19.80 3.08
C ILE A 136 -8.95 19.68 2.24
N SER A 137 -9.84 20.65 2.38
CA SER A 137 -11.16 20.61 1.75
C SER A 137 -11.10 20.62 0.24
N LYS A 138 -10.03 21.16 -0.33
CA LYS A 138 -9.87 21.19 -1.77
C LYS A 138 -8.84 20.18 -2.26
N ASP A 139 -8.42 19.26 -1.40
CA ASP A 139 -7.53 18.19 -1.84
C ASP A 139 -8.31 17.25 -2.76
N ARG A 140 -7.73 16.93 -3.92
CA ARG A 140 -8.41 16.11 -4.91
C ARG A 140 -8.73 14.69 -4.43
N ARG A 141 -8.09 14.20 -3.36
CA ARG A 141 -8.47 12.88 -2.86
C ARG A 141 -9.91 12.84 -2.32
N TYR A 142 -10.52 13.99 -2.06
CA TYR A 142 -11.93 14.04 -1.67
C TYR A 142 -12.83 14.49 -2.81
N ALA A 143 -12.33 14.49 -4.05
CA ALA A 143 -13.10 15.05 -5.17
C ALA A 143 -14.44 14.35 -5.33
N ASP A 144 -14.48 13.04 -5.10
CA ASP A 144 -15.68 12.24 -5.29
C ASP A 144 -16.58 12.20 -4.06
N LEU A 145 -16.28 12.98 -3.03
CA LEU A 145 -17.21 13.10 -1.92
C LEU A 145 -18.31 14.07 -2.31
N THR A 146 -19.53 13.76 -1.89
CA THR A 146 -20.63 14.70 -2.08
C THR A 146 -20.53 15.85 -1.10
N GLU A 147 -21.21 16.95 -1.41
CA GLU A 147 -21.18 18.10 -0.52
CA GLU A 147 -21.20 18.11 -0.52
C GLU A 147 -21.62 17.72 0.89
N ASP A 148 -22.61 16.84 0.99
CA ASP A 148 -23.07 16.43 2.31
C ASP A 148 -22.06 15.51 3.00
N GLN A 149 -21.17 14.87 2.27
CA GLN A 149 -20.21 13.97 2.89
C GLN A 149 -18.95 14.68 3.37
N LEU A 150 -18.52 15.72 2.69
CA LEU A 150 -17.26 16.37 3.04
C LEU A 150 -17.44 17.16 4.33
N PRO A 151 -16.85 16.73 5.45
CA PRO A 151 -17.07 17.44 6.72
C PRO A 151 -16.32 18.76 6.75
N SER A 152 -16.92 19.75 7.38
CA SER A 152 -16.19 20.95 7.73
C SER A 152 -15.64 20.88 9.14
N CYS A 153 -16.11 19.92 9.91
CA CYS A 153 -15.83 19.70 11.32
C CYS A 153 -16.61 18.47 11.72
N GLU A 154 -16.22 17.86 12.84
CA GLU A 154 -16.81 16.59 13.26
C GLU A 154 -16.79 16.51 14.78
N SER A 155 -17.94 16.19 15.36
CA SER A 155 -17.99 15.57 16.66
C SER A 155 -17.43 14.15 16.57
N LEU A 156 -17.18 13.54 17.72
CA LEU A 156 -16.88 12.11 17.73
C LEU A 156 -18.04 11.31 17.13
N LYS A 157 -19.27 11.74 17.42
CA LYS A 157 -20.45 11.06 16.88
C LYS A 157 -20.47 11.12 15.36
N ASP A 158 -20.14 12.28 14.77
CA ASP A 158 -20.05 12.35 13.32
C ASP A 158 -19.03 11.36 12.79
N THR A 159 -17.84 11.35 13.41
CA THR A 159 -16.76 10.47 12.97
C THR A 159 -17.22 9.02 12.95
N ILE A 160 -17.80 8.58 14.06
CA ILE A 160 -18.28 7.21 14.15
C ILE A 160 -19.34 6.93 13.10
N ALA A 161 -20.22 7.91 12.86
CA ALA A 161 -21.33 7.72 11.94
C ALA A 161 -20.85 7.59 10.50
N ARG A 162 -19.71 8.19 10.17
CA ARG A 162 -19.23 7.99 8.80
C ARG A 162 -18.22 6.83 8.70
N ALA A 163 -17.66 6.37 9.82
CA ALA A 163 -16.81 5.19 9.76
C ALA A 163 -17.61 3.89 9.70
N LEU A 164 -18.66 3.79 10.53
CA LEU A 164 -19.41 2.53 10.63
C LEU A 164 -20.01 2.04 9.32
N PRO A 165 -20.52 2.88 8.42
CA PRO A 165 -20.97 2.35 7.12
C PRO A 165 -19.89 1.61 6.34
N PHE A 166 -18.63 2.08 6.38
CA PHE A 166 -17.58 1.37 5.67
C PHE A 166 -17.33 0.01 6.30
N TRP A 167 -17.27 -0.02 7.63
CA TRP A 167 -17.25 -1.29 8.37
C TRP A 167 -18.35 -2.24 7.89
N ASN A 168 -19.59 -1.76 7.93
CA ASN A 168 -20.74 -2.61 7.63
C ASN A 168 -20.72 -3.12 6.20
N GLU A 169 -20.42 -2.25 5.25
CA GLU A 169 -20.58 -2.60 3.85
C GLU A 169 -19.32 -3.14 3.21
N GLU A 170 -18.15 -2.85 3.78
CA GLU A 170 -16.90 -3.29 3.14
C GLU A 170 -16.08 -4.25 3.98
N ILE A 171 -15.99 -4.05 5.29
CA ILE A 171 -15.13 -4.91 6.10
C ILE A 171 -15.86 -6.16 6.56
N VAL A 172 -17.09 -6.00 7.04
CA VAL A 172 -17.87 -7.13 7.53
C VAL A 172 -17.97 -8.25 6.50
N PRO A 173 -18.30 -7.99 5.22
CA PRO A 173 -18.35 -9.12 4.26
C PRO A 173 -17.02 -9.81 4.06
N GLN A 174 -15.90 -9.09 4.12
CA GLN A 174 -14.61 -9.76 4.08
C GLN A 174 -14.43 -10.66 5.29
N ILE A 175 -14.83 -10.18 6.48
CA ILE A 175 -14.70 -11.02 7.67
C ILE A 175 -15.53 -12.29 7.50
N LYS A 176 -16.77 -12.14 7.01
CA LYS A 176 -17.65 -13.28 6.83
C LYS A 176 -17.16 -14.18 5.72
N GLU A 177 -16.52 -13.59 4.72
CA GLU A 177 -15.68 -14.31 3.78
C GLU A 177 -14.41 -14.85 4.44
N GLY A 178 -14.41 -15.15 5.74
CA GLY A 178 -13.23 -15.66 6.42
C GLY A 178 -11.89 -15.00 6.13
N LYS A 179 -11.86 -13.81 5.51
CA LYS A 179 -10.61 -13.09 5.35
C LYS A 179 -10.09 -12.60 6.71
N ARG A 180 -8.80 -12.82 6.97
CA ARG A 180 -8.13 -12.24 8.13
C ARG A 180 -7.84 -10.76 7.84
N VAL A 181 -8.52 -9.88 8.55
CA VAL A 181 -8.50 -8.45 8.26
C VAL A 181 -7.52 -7.74 9.18
N LEU A 182 -6.73 -6.84 8.62
CA LEU A 182 -5.96 -5.89 9.41
C LEU A 182 -6.49 -4.50 9.11
N ILE A 183 -6.67 -3.71 10.16
CA ILE A 183 -7.13 -2.33 10.01
C ILE A 183 -6.12 -1.41 10.66
N ALA A 184 -5.52 -0.57 9.85
CA ALA A 184 -4.53 0.41 10.30
C ALA A 184 -5.16 1.79 10.15
N ALA A 185 -5.58 2.38 11.26
CA ALA A 185 -6.27 3.65 11.17
C ALA A 185 -5.89 4.56 12.32
N HIS A 186 -6.85 5.37 12.77
CA HIS A 186 -6.62 6.41 13.75
C HIS A 186 -7.48 6.12 14.98
N GLY A 187 -7.10 6.74 16.10
CA GLY A 187 -7.86 6.66 17.32
C GLY A 187 -9.38 6.78 17.19
N ASN A 188 -9.89 7.83 16.56
CA ASN A 188 -11.33 8.08 16.66
C ASN A 188 -12.15 7.21 15.71
N SER A 189 -11.63 6.91 14.51
CA SER A 189 -12.34 5.97 13.65
C SER A 189 -12.28 4.54 14.23
N LEU A 190 -11.14 4.15 14.79
CA LEU A 190 -11.04 2.86 15.47
C LEU A 190 -12.00 2.79 16.66
N ARG A 191 -12.14 3.90 17.40
CA ARG A 191 -13.13 3.99 18.47
C ARG A 191 -14.52 3.69 17.95
N GLY A 192 -14.85 4.17 16.75
CA GLY A 192 -16.12 3.77 16.17
C GLY A 192 -16.25 2.26 16.06
N ILE A 193 -15.22 1.62 15.49
CA ILE A 193 -15.26 0.17 15.34
C ILE A 193 -15.39 -0.53 16.70
N VAL A 194 -14.62 -0.07 17.69
CA VAL A 194 -14.63 -0.71 19.00
C VAL A 194 -15.98 -0.53 19.69
N LYS A 195 -16.53 0.70 19.66
CA LYS A 195 -17.85 0.97 20.25
C LYS A 195 -18.88 0.04 19.66
N HIS A 196 -18.86 -0.13 18.34
CA HIS A 196 -19.82 -1.02 17.71
C HIS A 196 -19.60 -2.48 18.10
N LEU A 197 -18.35 -2.93 18.13
CA LEU A 197 -18.12 -4.35 18.40
C LEU A 197 -18.48 -4.70 19.84
N GLU A 198 -18.07 -3.87 20.80
CA GLU A 198 -18.14 -4.21 22.22
C GLU A 198 -19.37 -3.66 22.90
N GLY A 199 -20.24 -2.94 22.19
CA GLY A 199 -21.45 -2.42 22.78
C GLY A 199 -21.21 -1.37 23.86
N LEU A 200 -20.11 -0.63 23.76
CA LEU A 200 -19.77 0.35 24.77
C LEU A 200 -20.64 1.61 24.63
N SER A 201 -20.77 2.31 25.74
CA SER A 201 -21.49 3.57 25.83
C SER A 201 -20.63 4.72 25.30
N GLU A 202 -21.30 5.87 25.08
CA GLU A 202 -20.58 7.07 24.71
C GLU A 202 -19.52 7.44 25.74
N GLU A 203 -19.86 7.31 27.02
CA GLU A 203 -18.95 7.68 28.09
C GLU A 203 -17.72 6.76 28.13
N ALA A 204 -17.95 5.46 28.05
CA ALA A 204 -16.84 4.51 28.06
C ALA A 204 -15.93 4.74 26.86
N ILE A 205 -16.52 4.88 25.67
CA ILE A 205 -15.74 4.98 24.45
C ILE A 205 -14.95 6.28 24.44
N MET A 206 -15.52 7.34 25.00
CA MET A 206 -14.76 8.59 25.11
C MET A 206 -13.67 8.46 26.17
N GLU A 207 -13.82 7.57 27.14
CA GLU A 207 -12.77 7.34 28.12
C GLU A 207 -11.76 6.28 27.67
N LEU A 208 -12.05 5.56 26.58
CA LEU A 208 -11.18 4.50 26.11
C LEU A 208 -10.14 5.09 25.17
N ASN A 209 -8.88 5.02 25.57
CA ASN A 209 -7.79 5.42 24.68
C ASN A 209 -7.05 4.17 24.23
N LEU A 210 -6.89 4.06 23.00
CA LEU A 210 -6.24 2.92 22.41
C LEU A 210 -4.74 3.16 22.39
N PRO A 211 -3.94 2.22 22.89
CA PRO A 211 -2.48 2.36 22.78
C PRO A 211 -2.07 2.46 21.32
N THR A 212 -1.00 3.19 21.06
CA THR A 212 -0.48 3.36 19.72
C THR A 212 0.57 2.29 19.42
N GLY A 213 0.59 1.81 18.18
CA GLY A 213 1.62 0.86 17.80
C GLY A 213 1.53 -0.49 18.44
N ILE A 214 0.47 -0.75 19.19
CA ILE A 214 0.23 -2.05 19.81
C ILE A 214 -0.90 -2.72 19.05
N PRO A 215 -0.66 -3.86 18.42
CA PRO A 215 -1.75 -4.59 17.78
C PRO A 215 -2.85 -4.94 18.79
N ILE A 216 -4.08 -4.73 18.35
CA ILE A 216 -5.28 -4.94 19.13
C ILE A 216 -5.99 -6.11 18.49
N VAL A 217 -6.24 -7.18 19.25
CA VAL A 217 -6.72 -8.43 18.68
C VAL A 217 -8.12 -8.73 19.20
N TYR A 218 -9.02 -9.05 18.26
CA TYR A 218 -10.40 -9.44 18.55
C TYR A 218 -10.63 -10.87 18.08
N GLU A 219 -11.17 -11.68 18.96
CA GLU A 219 -11.74 -12.98 18.62
C GLU A 219 -13.25 -12.82 18.54
N LEU A 220 -13.82 -13.06 17.36
CA LEU A 220 -15.23 -12.82 17.10
C LEU A 220 -15.96 -14.15 16.87
N ASP A 221 -17.17 -14.27 17.40
CA ASP A 221 -17.95 -15.46 17.12
C ASP A 221 -18.62 -15.32 15.76
N LYS A 222 -19.40 -16.33 15.39
CA LYS A 222 -20.00 -16.39 14.06
C LYS A 222 -20.86 -15.17 13.75
N ASN A 223 -21.42 -14.53 14.78
CA ASN A 223 -22.21 -13.32 14.59
C ASN A 223 -21.40 -12.06 14.80
N LEU A 224 -20.07 -12.17 14.75
CA LEU A 224 -19.15 -11.02 14.86
C LEU A 224 -19.22 -10.34 16.21
N LYS A 225 -19.62 -11.10 17.24
CA LYS A 225 -19.58 -10.61 18.61
C LYS A 225 -18.24 -10.96 19.25
N PRO A 226 -17.58 -10.02 19.91
CA PRO A 226 -16.30 -10.31 20.58
C PRO A 226 -16.49 -11.39 21.63
N ILE A 227 -15.82 -12.53 21.42
CA ILE A 227 -15.75 -13.58 22.44
C ILE A 227 -15.14 -13.04 23.73
N LYS A 228 -14.19 -12.13 23.63
CA LYS A 228 -13.67 -11.44 24.79
C LYS A 228 -13.34 -10.01 24.36
N PRO A 229 -13.18 -9.08 25.31
CA PRO A 229 -12.81 -7.71 24.95
C PRO A 229 -11.41 -7.67 24.35
N MET A 230 -11.09 -6.50 23.77
CA MET A 230 -9.87 -6.36 22.99
C MET A 230 -8.67 -6.83 23.77
N GLN A 231 -7.80 -7.57 23.10
CA GLN A 231 -6.55 -7.97 23.69
C GLN A 231 -5.40 -7.26 22.98
N PHE A 232 -4.25 -7.22 23.65
CA PHE A 232 -3.08 -6.49 23.18
C PHE A 232 -1.92 -7.44 22.97
N LEU A 233 -1.33 -7.38 21.79
CA LEU A 233 -0.20 -8.22 21.44
C LEU A 233 1.10 -7.49 21.73
N GLY A 234 2.03 -8.17 22.36
CA GLY A 234 3.34 -7.59 22.62
C GLY A 234 3.92 -8.19 23.89
N ASP A 235 5.10 -7.69 24.25
CA ASP A 235 5.67 -8.07 25.54
C ASP A 235 4.74 -7.58 26.64
N GLU A 236 4.39 -8.52 27.54
CA GLU A 236 3.41 -8.21 28.57
C GLU A 236 3.82 -7.02 29.41
N GLU A 237 5.12 -6.82 29.61
CA GLU A 237 5.56 -5.67 30.40
C GLU A 237 5.43 -4.37 29.61
N THR A 238 5.82 -4.36 28.33
CA THR A 238 5.63 -3.13 27.56
C THR A 238 4.15 -2.84 27.26
N VAL A 239 3.29 -3.86 27.25
CA VAL A 239 1.85 -3.58 27.08
C VAL A 239 1.29 -2.91 28.33
N ARG A 240 1.55 -3.49 29.51
CA ARG A 240 1.09 -2.87 30.76
C ARG A 240 1.62 -1.46 30.90
N LYS A 241 2.84 -1.21 30.41
CA LYS A 241 3.45 0.12 30.50
C LYS A 241 2.76 1.10 29.56
N ALA A 242 2.50 0.67 28.33
CA ALA A 242 1.72 1.51 27.43
C ALA A 242 0.31 1.71 27.95
N MET A 243 -0.26 0.66 28.55
CA MET A 243 -1.61 0.77 29.10
C MET A 243 -1.66 1.66 30.33
N GLU A 244 -0.59 1.68 31.14
CA GLU A 244 -0.53 2.64 32.24
C GLU A 244 -0.34 4.06 31.73
N ALA A 245 0.53 4.22 30.71
CA ALA A 245 0.70 5.51 30.04
C ALA A 245 -0.64 6.05 29.57
N VAL A 246 -1.40 5.20 28.89
CA VAL A 246 -2.64 5.61 28.24
C VAL A 246 -3.70 5.98 29.27
N ALA A 247 -3.88 5.14 30.29
CA ALA A 247 -4.78 5.49 31.39
C ALA A 247 -4.36 6.80 32.06
N ALA A 248 -3.06 7.09 32.10
CA ALA A 248 -2.55 8.33 32.65
C ALA A 248 -2.54 9.45 31.63
N ALA B 3 -2.17 12.32 -26.05
CA ALA B 3 -3.35 12.68 -25.26
C ALA B 3 -3.33 11.94 -23.92
N TYR B 4 -3.84 10.70 -23.88
CA TYR B 4 -3.72 9.88 -22.67
C TYR B 4 -2.26 9.81 -22.26
N LYS B 5 -1.99 9.94 -20.97
CA LYS B 5 -0.63 9.80 -20.46
C LYS B 5 -0.52 8.56 -19.58
N LEU B 6 0.45 7.70 -19.91
CA LEU B 6 0.70 6.44 -19.20
C LEU B 6 2.14 6.45 -18.70
N VAL B 7 2.36 6.09 -17.44
CA VAL B 7 3.71 6.05 -16.89
C VAL B 7 4.02 4.62 -16.41
N LEU B 8 5.18 4.11 -16.83
CA LEU B 8 5.72 2.83 -16.39
C LEU B 8 7.02 3.05 -15.64
N ILE B 9 7.34 2.18 -14.70
CA ILE B 9 8.66 2.23 -14.08
C ILE B 9 9.11 0.81 -13.74
N ARG B 10 10.34 0.52 -14.10
CA ARG B 10 10.95 -0.78 -13.83
C ARG B 10 11.70 -0.70 -12.52
N HIS B 11 11.49 -1.69 -11.64
CA HIS B 11 12.19 -1.69 -10.36
C HIS B 11 13.70 -1.72 -10.60
N GLY B 12 14.44 -1.32 -9.58
CA GLY B 12 15.89 -1.24 -9.64
C GLY B 12 16.59 -2.50 -9.15
N GLU B 13 17.87 -2.33 -8.87
CA GLU B 13 18.73 -3.43 -8.44
C GLU B 13 18.15 -4.15 -7.24
N SER B 14 18.14 -5.48 -7.30
CA SER B 14 17.70 -6.30 -6.20
C SER B 14 18.91 -6.90 -5.47
N ALA B 15 18.63 -7.53 -4.33
CA ALA B 15 19.71 -8.15 -3.56
C ALA B 15 20.31 -9.33 -4.30
N TRP B 16 19.50 -10.03 -5.10
CA TRP B 16 20.02 -11.16 -5.86
C TRP B 16 20.76 -10.71 -7.12
N ASN B 17 20.48 -9.51 -7.63
CA ASN B 17 21.34 -8.93 -8.66
C ASN B 17 22.76 -8.83 -8.14
N LEU B 18 22.93 -8.45 -6.87
CA LEU B 18 24.27 -8.29 -6.31
C LEU B 18 24.99 -9.62 -6.28
N GLU B 19 24.28 -10.72 -6.05
CA GLU B 19 24.90 -12.03 -6.03
C GLU B 19 24.86 -12.72 -7.39
N ASN B 20 24.45 -11.98 -8.45
CA ASN B 20 24.26 -12.51 -9.80
C ASN B 20 23.45 -13.81 -9.79
N ARG B 21 22.32 -13.77 -9.09
CA ARG B 21 21.46 -14.94 -8.95
C ARG B 21 20.13 -14.68 -9.64
N PHE B 22 19.66 -15.66 -10.41
CA PHE B 22 18.36 -15.55 -11.06
C PHE B 22 17.26 -15.51 -9.99
N SER B 23 16.51 -14.41 -9.92
CA SER B 23 15.46 -14.37 -8.91
C SER B 23 14.11 -14.82 -9.46
N GLY B 24 13.65 -14.26 -10.56
CA GLY B 24 12.38 -14.72 -11.13
C GLY B 24 11.23 -14.49 -10.15
N TRP B 25 10.53 -15.57 -9.79
CA TRP B 25 9.43 -15.44 -8.84
C TRP B 25 9.90 -15.45 -7.38
N TYR B 26 11.18 -15.70 -7.14
CA TYR B 26 11.70 -15.50 -5.80
C TYR B 26 11.57 -14.03 -5.38
N ASP B 27 11.06 -13.80 -4.16
CA ASP B 27 10.65 -12.46 -3.74
C ASP B 27 11.80 -11.60 -3.20
N ALA B 28 12.87 -11.47 -3.97
CA ALA B 28 14.03 -10.68 -3.52
C ALA B 28 13.65 -9.21 -3.34
N ASP B 29 14.24 -8.59 -2.32
CA ASP B 29 14.03 -7.18 -2.05
C ASP B 29 14.97 -6.32 -2.89
N LEU B 30 14.70 -5.01 -2.94
CA LEU B 30 15.64 -4.07 -3.52
C LEU B 30 16.92 -4.04 -2.69
N SER B 31 18.05 -3.88 -3.38
CA SER B 31 19.28 -3.51 -2.72
C SER B 31 19.15 -2.04 -2.30
N PRO B 32 20.04 -1.55 -1.43
CA PRO B 32 20.02 -0.11 -1.13
C PRO B 32 20.14 0.77 -2.38
N ALA B 33 21.00 0.38 -3.33
CA ALA B 33 21.09 1.14 -4.59
C ALA B 33 19.77 1.12 -5.35
N GLY B 34 19.08 -0.02 -5.39
CA GLY B 34 17.80 -0.09 -6.08
C GLY B 34 16.74 0.80 -5.45
N HIS B 35 16.73 0.87 -4.12
CA HIS B 35 15.84 1.79 -3.41
C HIS B 35 16.16 3.24 -3.74
N GLU B 36 17.46 3.57 -3.78
CA GLU B 36 17.87 4.92 -4.20
C GLU B 36 17.44 5.23 -5.63
N GLU B 37 17.46 4.24 -6.51
CA GLU B 37 16.97 4.44 -7.87
C GLU B 37 15.49 4.82 -7.88
N ALA B 38 14.69 4.07 -7.12
CA ALA B 38 13.28 4.40 -7.02
C ALA B 38 13.09 5.80 -6.44
N LYS B 39 13.92 6.18 -5.46
CA LYS B 39 13.81 7.53 -4.89
C LYS B 39 14.06 8.60 -5.95
N ARG B 40 15.07 8.40 -6.80
CA ARG B 40 15.34 9.39 -7.87
C ARG B 40 14.23 9.41 -8.91
N GLY B 41 13.69 8.25 -9.30
CA GLY B 41 12.56 8.25 -10.21
C GLY B 41 11.36 8.99 -9.64
N GLY B 42 11.07 8.78 -8.36
CA GLY B 42 10.01 9.53 -7.71
C GLY B 42 10.27 11.02 -7.70
N GLN B 43 11.50 11.43 -7.37
CA GLN B 43 11.84 12.84 -7.42
C GLN B 43 11.63 13.41 -8.81
N ALA B 44 11.98 12.62 -9.85
CA ALA B 44 11.75 13.06 -11.23
C ALA B 44 10.27 13.33 -11.49
N LEU B 45 9.41 12.41 -11.05
CA LEU B 45 7.98 12.61 -11.24
C LEU B 45 7.48 13.81 -10.45
N ARG B 46 7.97 13.98 -9.22
CA ARG B 46 7.52 15.09 -8.38
C ARG B 46 7.90 16.43 -9.01
N ASP B 47 9.17 16.54 -9.49
CA ASP B 47 9.63 17.76 -10.17
C ASP B 47 8.85 18.00 -11.45
N ALA B 48 8.41 16.94 -12.14
CA ALA B 48 7.56 17.14 -13.31
C ALA B 48 6.10 17.43 -12.95
N GLY B 49 5.72 17.30 -11.68
CA GLY B 49 4.34 17.57 -11.29
C GLY B 49 3.35 16.52 -11.70
N TYR B 50 3.78 15.28 -11.82
CA TYR B 50 2.91 14.21 -12.30
C TYR B 50 1.90 13.82 -11.23
N GLU B 51 0.66 13.68 -11.65
CA GLU B 51 -0.41 13.22 -10.78
C GLU B 51 -1.01 11.95 -11.41
N PHE B 52 -1.32 10.98 -10.56
CA PHE B 52 -1.92 9.72 -10.99
C PHE B 52 -3.25 9.52 -10.28
N ASP B 53 -4.06 8.60 -10.80
CA ASP B 53 -5.31 8.26 -10.15
C ASP B 53 -5.39 6.82 -9.66
N ILE B 54 -4.55 5.92 -10.17
CA ILE B 54 -4.56 4.51 -9.77
C ILE B 54 -3.22 3.89 -10.17
N CYS B 55 -2.79 2.89 -9.40
CA CYS B 55 -1.48 2.27 -9.57
C CYS B 55 -1.62 0.76 -9.67
N PHE B 56 -0.85 0.15 -10.54
CA PHE B 56 -0.77 -1.30 -10.63
C PHE B 56 0.66 -1.74 -10.40
N THR B 57 0.83 -2.87 -9.71
CA THR B 57 2.15 -3.44 -9.52
C THR B 57 1.99 -4.96 -9.41
N SER B 58 3.09 -5.66 -9.16
CA SER B 58 3.04 -7.12 -9.09
C SER B 58 2.74 -7.55 -7.66
N VAL B 59 2.89 -8.84 -7.36
CA VAL B 59 2.86 -9.29 -5.98
C VAL B 59 4.27 -9.50 -5.41
N GLN B 60 5.28 -8.91 -6.03
CA GLN B 60 6.67 -9.08 -5.60
C GLN B 60 7.19 -7.80 -4.97
N LYS B 61 7.89 -7.94 -3.84
CA LYS B 61 8.19 -6.77 -3.02
C LYS B 61 9.17 -5.78 -3.66
N ARG B 62 10.11 -6.21 -4.53
CA ARG B 62 10.98 -5.20 -5.16
C ARG B 62 10.19 -4.20 -6.01
N ALA B 63 9.16 -4.69 -6.71
CA ALA B 63 8.30 -3.80 -7.46
C ALA B 63 7.38 -3.00 -6.53
N ILE B 64 6.82 -3.64 -5.50
CA ILE B 64 5.90 -2.95 -4.58
C ILE B 64 6.61 -1.83 -3.84
N ARG B 65 7.83 -2.10 -3.34
CA ARG B 65 8.60 -1.08 -2.65
C ARG B 65 9.06 0.03 -3.61
N THR B 66 9.37 -0.30 -4.87
CA THR B 66 9.56 0.77 -5.85
C THR B 66 8.32 1.68 -5.94
N LEU B 67 7.13 1.07 -6.03
CA LEU B 67 5.89 1.86 -6.06
C LEU B 67 5.73 2.70 -4.81
N TRP B 68 5.99 2.10 -3.64
CA TRP B 68 5.81 2.82 -2.38
C TRP B 68 6.74 4.03 -2.31
N THR B 69 7.98 3.85 -2.75
CA THR B 69 8.95 4.93 -2.75
C THR B 69 8.51 6.06 -3.67
N VAL B 70 8.00 5.72 -4.86
CA VAL B 70 7.53 6.74 -5.80
C VAL B 70 6.36 7.51 -5.21
N LEU B 71 5.39 6.78 -4.64
CA LEU B 71 4.20 7.44 -4.08
C LEU B 71 4.56 8.35 -2.92
N ASP B 72 5.49 7.90 -2.07
CA ASP B 72 6.03 8.75 -1.01
C ASP B 72 6.64 10.02 -1.59
N ALA B 73 7.47 9.87 -2.63
CA ALA B 73 8.16 11.01 -3.20
C ALA B 73 7.19 12.03 -3.80
N ILE B 74 6.11 11.57 -4.40
CA ILE B 74 5.16 12.49 -5.03
C ILE B 74 3.96 12.79 -4.14
N ASP B 75 4.02 12.41 -2.86
CA ASP B 75 2.96 12.71 -1.89
C ASP B 75 1.61 12.16 -2.34
N GLN B 76 1.62 10.97 -2.94
CA GLN B 76 0.38 10.36 -3.39
C GLN B 76 0.18 8.97 -2.79
N MET B 77 0.58 8.83 -1.53
CA MET B 77 0.43 7.55 -0.84
C MET B 77 -1.03 7.12 -0.70
N TRP B 78 -1.98 8.04 -0.88
CA TRP B 78 -3.40 7.74 -0.73
C TRP B 78 -4.01 7.11 -1.98
N LEU B 79 -3.27 7.00 -3.07
CA LEU B 79 -3.84 6.47 -4.31
C LEU B 79 -4.23 5.01 -4.15
N PRO B 80 -5.27 4.55 -4.87
CA PRO B 80 -5.59 3.12 -4.87
C PRO B 80 -4.49 2.34 -5.59
N VAL B 81 -4.17 1.18 -5.03
CA VAL B 81 -3.12 0.32 -5.54
C VAL B 81 -3.68 -1.08 -5.74
N VAL B 82 -3.42 -1.66 -6.91
CA VAL B 82 -3.84 -3.02 -7.23
C VAL B 82 -2.59 -3.86 -7.50
N ARG B 83 -2.46 -4.99 -6.80
CA ARG B 83 -1.37 -5.93 -7.03
C ARG B 83 -1.88 -7.14 -7.82
N THR B 84 -1.08 -7.62 -8.77
CA THR B 84 -1.45 -8.84 -9.49
C THR B 84 -0.21 -9.66 -9.87
N TRP B 85 -0.33 -10.98 -9.69
CA TRP B 85 0.74 -11.88 -10.10
C TRP B 85 1.03 -11.78 -11.59
N ARG B 86 0.05 -11.35 -12.39
CA ARG B 86 0.23 -11.26 -13.83
C ARG B 86 1.28 -10.21 -14.22
N LEU B 87 1.68 -9.35 -13.30
CA LEU B 87 2.74 -8.39 -13.56
C LEU B 87 4.09 -8.87 -13.03
N ASN B 88 4.15 -10.10 -12.52
CA ASN B 88 5.38 -10.64 -11.95
C ASN B 88 6.47 -10.74 -13.02
N GLU B 89 7.71 -10.71 -12.53
CA GLU B 89 8.84 -11.12 -13.33
C GLU B 89 8.61 -12.51 -13.92
N ARG B 90 9.24 -12.75 -15.05
CA ARG B 90 9.38 -14.09 -15.62
C ARG B 90 9.74 -15.11 -14.55
N HIS B 91 9.04 -16.24 -14.55
CA HIS B 91 9.38 -17.34 -13.64
C HIS B 91 10.61 -18.10 -14.18
N TYR B 92 11.94 -18.13 -13.68
CA TYR B 92 13.15 -18.64 -14.19
C TYR B 92 13.32 -20.11 -13.80
N GLY B 93 12.23 -20.95 -13.45
CA GLY B 93 12.08 -22.32 -12.98
C GLY B 93 13.33 -22.84 -12.30
N GLY B 94 13.97 -23.82 -12.92
CA GLY B 94 15.09 -24.50 -12.28
C GLY B 94 16.28 -23.59 -12.04
N LEU B 95 16.43 -22.53 -12.84
CA LEU B 95 17.54 -21.60 -12.67
C LEU B 95 17.38 -20.71 -11.44
N THR B 96 16.19 -20.69 -10.83
CA THR B 96 15.96 -19.82 -9.68
C THR B 96 16.99 -20.11 -8.59
N GLY B 97 17.64 -19.06 -8.10
CA GLY B 97 18.62 -19.19 -7.04
C GLY B 97 20.03 -19.50 -7.48
N LEU B 98 20.23 -19.89 -8.74
CA LEU B 98 21.57 -20.19 -9.27
C LEU B 98 22.24 -18.92 -9.76
N ASN B 99 23.54 -18.80 -9.50
CA ASN B 99 24.31 -17.75 -10.16
C ASN B 99 24.83 -18.24 -11.51
N LYS B 100 25.56 -17.36 -12.21
CA LYS B 100 25.96 -17.64 -13.58
C LYS B 100 26.91 -18.83 -13.66
N ALA B 101 27.85 -18.93 -12.72
CA ALA B 101 28.77 -20.06 -12.70
C ALA B 101 28.01 -21.36 -12.46
N GLU B 102 27.14 -21.37 -11.46
CA GLU B 102 26.39 -22.58 -11.14
C GLU B 102 25.52 -23.00 -12.31
N THR B 103 24.88 -22.03 -12.97
CA THR B 103 24.04 -22.33 -14.13
C THR B 103 24.89 -22.94 -15.26
N ALA B 104 26.05 -22.34 -15.52
CA ALA B 104 26.92 -22.88 -16.56
C ALA B 104 27.33 -24.31 -16.24
N ALA B 105 27.86 -24.55 -15.04
CA ALA B 105 28.30 -25.88 -14.68
C ALA B 105 27.17 -26.90 -14.72
N LYS B 106 25.96 -26.48 -14.32
CA LYS B 106 24.89 -27.46 -14.23
C LYS B 106 24.25 -27.73 -15.60
N HIS B 107 24.07 -26.70 -16.43
CA HIS B 107 23.28 -26.84 -17.63
C HIS B 107 24.04 -26.70 -18.94
N GLY B 108 25.24 -26.14 -18.94
CA GLY B 108 26.04 -26.12 -20.17
C GLY B 108 25.86 -24.83 -20.95
N GLU B 109 26.96 -24.41 -21.58
CA GLU B 109 26.96 -23.21 -22.41
C GLU B 109 25.89 -23.26 -23.48
N ALA B 110 25.70 -24.43 -24.10
CA ALA B 110 24.75 -24.52 -25.21
C ALA B 110 23.33 -24.19 -24.76
N GLN B 111 22.86 -24.88 -23.71
CA GLN B 111 21.48 -24.62 -23.27
C GLN B 111 21.35 -23.21 -22.71
N VAL B 112 22.34 -22.73 -21.96
CA VAL B 112 22.26 -21.38 -21.44
C VAL B 112 22.13 -20.38 -22.58
N LYS B 113 22.91 -20.55 -23.66
CA LYS B 113 22.79 -19.68 -24.82
C LYS B 113 21.38 -19.72 -25.42
N ILE B 114 20.85 -20.92 -25.61
CA ILE B 114 19.49 -21.04 -26.15
C ILE B 114 18.49 -20.29 -25.28
N TRP B 115 18.53 -20.54 -23.96
CA TRP B 115 17.54 -19.96 -23.08
C TRP B 115 17.66 -18.45 -23.06
N ARG B 116 18.89 -17.95 -23.07
CA ARG B 116 19.13 -16.52 -23.09
C ARG B 116 18.61 -15.88 -24.36
N ARG B 117 18.67 -16.60 -25.48
CA ARG B 117 18.39 -16.02 -26.79
C ARG B 117 16.96 -16.20 -27.24
N SER B 118 16.23 -17.15 -26.67
CA SER B 118 14.97 -17.60 -27.25
C SER B 118 13.77 -16.81 -26.72
N TYR B 119 12.83 -16.53 -27.61
CA TYR B 119 11.58 -15.89 -27.22
C TYR B 119 10.61 -16.90 -26.62
N ASP B 120 10.68 -18.17 -27.03
CA ASP B 120 9.66 -19.14 -26.69
C ASP B 120 10.15 -20.41 -26.01
N VAL B 121 11.46 -20.58 -25.80
CA VAL B 121 12.00 -21.76 -25.16
C VAL B 121 12.17 -21.47 -23.67
N PRO B 122 11.44 -22.14 -22.78
CA PRO B 122 11.52 -21.83 -21.36
C PRO B 122 12.75 -22.43 -20.71
N PRO B 123 13.13 -21.97 -19.53
CA PRO B 123 14.19 -22.63 -18.77
C PRO B 123 13.67 -23.92 -18.17
N PRO B 124 14.51 -24.75 -17.56
CA PRO B 124 14.02 -26.01 -17.00
C PRO B 124 12.98 -25.75 -15.92
N PRO B 125 12.02 -26.67 -15.77
CA PRO B 125 11.00 -26.49 -14.72
C PRO B 125 11.60 -26.53 -13.33
N MET B 126 10.94 -25.83 -12.42
CA MET B 126 11.31 -25.89 -11.01
C MET B 126 10.65 -27.10 -10.37
N GLU B 127 11.45 -28.12 -10.09
CA GLU B 127 10.98 -29.44 -9.69
C GLU B 127 10.75 -29.51 -8.19
N PRO B 128 10.08 -30.56 -7.70
CA PRO B 128 9.78 -30.63 -6.27
C PRO B 128 11.02 -30.70 -5.37
N ASP B 129 12.16 -31.15 -5.88
CA ASP B 129 13.38 -31.19 -5.07
C ASP B 129 14.18 -29.90 -5.17
N HIS B 130 13.71 -28.92 -5.93
CA HIS B 130 14.43 -27.67 -6.06
C HIS B 130 14.48 -26.96 -4.71
N PRO B 131 15.58 -26.28 -4.38
CA PRO B 131 15.66 -25.57 -3.10
C PRO B 131 14.53 -24.60 -2.83
N PHE B 132 14.00 -23.93 -3.86
CA PHE B 132 13.01 -22.88 -3.68
C PHE B 132 11.60 -23.34 -4.09
N TYR B 133 11.42 -24.64 -4.34
CA TYR B 133 10.12 -25.18 -4.73
C TYR B 133 9.03 -24.79 -3.74
N SER B 134 9.23 -25.07 -2.46
CA SER B 134 8.19 -24.75 -1.49
C SER B 134 8.09 -23.24 -1.30
N ASN B 135 9.23 -22.56 -1.29
CA ASN B 135 9.28 -21.12 -1.07
C ASN B 135 8.32 -20.39 -2.02
N ILE B 136 8.29 -20.81 -3.28
CA ILE B 136 7.53 -20.09 -4.30
C ILE B 136 6.23 -20.82 -4.61
N SER B 137 6.33 -22.09 -4.97
CA SER B 137 5.17 -22.81 -5.46
C SER B 137 4.15 -23.07 -4.36
N LYS B 138 4.57 -23.05 -3.10
CA LYS B 138 3.64 -23.18 -1.99
C LYS B 138 3.37 -21.86 -1.28
N ASP B 139 3.80 -20.74 -1.87
CA ASP B 139 3.46 -19.44 -1.29
C ASP B 139 1.95 -19.17 -1.42
N ARG B 140 1.30 -18.81 -0.31
CA ARG B 140 -0.15 -18.64 -0.33
C ARG B 140 -0.61 -17.45 -1.19
N ARG B 141 0.29 -16.53 -1.58
CA ARG B 141 -0.16 -15.47 -2.48
C ARG B 141 -0.58 -16.00 -3.85
N TYR B 142 -0.28 -17.26 -4.18
CA TYR B 142 -0.70 -17.84 -5.45
C TYR B 142 -1.82 -18.85 -5.26
N ALA B 143 -2.43 -18.90 -4.07
CA ALA B 143 -3.37 -19.97 -3.75
C ALA B 143 -4.61 -19.95 -4.64
N ASP B 144 -4.99 -18.78 -5.17
CA ASP B 144 -6.16 -18.65 -6.04
C ASP B 144 -5.87 -18.97 -7.50
N LEU B 145 -4.62 -19.25 -7.85
CA LEU B 145 -4.27 -19.60 -9.23
C LEU B 145 -4.63 -21.06 -9.49
N THR B 146 -5.32 -21.31 -10.58
CA THR B 146 -5.57 -22.70 -10.96
C THR B 146 -4.25 -23.43 -11.18
N GLU B 147 -4.31 -24.76 -11.13
CA GLU B 147 -3.10 -25.56 -11.33
C GLU B 147 -2.43 -25.24 -12.66
N ASP B 148 -3.21 -25.00 -13.71
CA ASP B 148 -2.64 -24.67 -15.00
C ASP B 148 -2.20 -23.21 -15.12
N GLN B 149 -2.31 -22.42 -14.05
CA GLN B 149 -1.82 -21.05 -14.09
C GLN B 149 -0.48 -20.87 -13.41
N LEU B 150 -0.22 -21.63 -12.35
CA LEU B 150 1.00 -21.49 -11.58
C LEU B 150 2.16 -22.07 -12.37
N PRO B 151 3.07 -21.26 -12.90
CA PRO B 151 4.12 -21.82 -13.75
C PRO B 151 5.10 -22.60 -12.92
N SER B 152 5.79 -23.53 -13.55
CA SER B 152 7.03 -24.05 -13.00
C SER B 152 8.23 -23.43 -13.70
N CYS B 153 7.98 -22.58 -14.70
CA CYS B 153 8.99 -21.94 -15.54
C CYS B 153 8.24 -21.18 -16.63
N GLU B 154 8.85 -20.13 -17.16
CA GLU B 154 8.21 -19.33 -18.20
C GLU B 154 9.25 -18.88 -19.23
N SER B 155 8.94 -19.08 -20.50
CA SER B 155 9.62 -18.31 -21.53
C SER B 155 9.14 -16.85 -21.47
N LEU B 156 9.84 -15.99 -22.21
CA LEU B 156 9.36 -14.62 -22.38
C LEU B 156 7.95 -14.60 -22.97
N LYS B 157 7.72 -15.43 -24.00
CA LYS B 157 6.39 -15.58 -24.59
C LYS B 157 5.33 -15.89 -23.53
N ASP B 158 5.63 -16.84 -22.64
CA ASP B 158 4.68 -17.21 -21.58
C ASP B 158 4.36 -15.99 -20.71
N THR B 159 5.42 -15.31 -20.23
CA THR B 159 5.24 -14.14 -19.37
C THR B 159 4.33 -13.11 -20.03
N ILE B 160 4.58 -12.82 -21.30
CA ILE B 160 3.79 -11.80 -21.99
C ILE B 160 2.35 -12.28 -22.17
N ALA B 161 2.17 -13.57 -22.49
CA ALA B 161 0.84 -14.16 -22.62
C ALA B 161 0.03 -14.10 -21.33
N ARG B 162 0.69 -14.16 -20.18
CA ARG B 162 -0.12 -14.07 -18.97
C ARG B 162 -0.24 -12.64 -18.45
N ALA B 163 0.58 -11.72 -18.94
CA ALA B 163 0.48 -10.33 -18.52
C ALA B 163 -0.55 -9.56 -19.33
N LEU B 164 -0.59 -9.75 -20.65
CA LEU B 164 -1.47 -8.92 -21.45
C LEU B 164 -2.96 -9.06 -21.09
N PRO B 165 -3.47 -10.19 -20.59
CA PRO B 165 -4.88 -10.19 -20.18
C PRO B 165 -5.17 -9.19 -19.07
N PHE B 166 -4.27 -9.03 -18.11
CA PHE B 166 -4.51 -8.01 -17.09
C PHE B 166 -4.53 -6.62 -17.72
N TRP B 167 -3.60 -6.35 -18.63
CA TRP B 167 -3.58 -5.07 -19.33
C TRP B 167 -4.91 -4.81 -20.04
N ASN B 168 -5.40 -5.81 -20.78
CA ASN B 168 -6.58 -5.64 -21.62
C ASN B 168 -7.87 -5.62 -20.82
N GLU B 169 -7.95 -6.39 -19.74
CA GLU B 169 -9.22 -6.50 -19.04
C GLU B 169 -9.37 -5.50 -17.92
N GLU B 170 -8.26 -5.00 -17.35
CA GLU B 170 -8.33 -4.09 -16.22
C GLU B 170 -7.69 -2.74 -16.51
N ILE B 171 -6.49 -2.70 -17.08
CA ILE B 171 -5.79 -1.42 -17.20
C ILE B 171 -6.35 -0.57 -18.34
N VAL B 172 -6.60 -1.19 -19.49
CA VAL B 172 -7.20 -0.47 -20.61
C VAL B 172 -8.52 0.17 -20.23
N PRO B 173 -9.47 -0.53 -19.56
CA PRO B 173 -10.68 0.16 -19.10
C PRO B 173 -10.37 1.39 -18.23
N GLN B 174 -9.42 1.28 -17.30
CA GLN B 174 -9.09 2.43 -16.48
C GLN B 174 -8.60 3.60 -17.32
N ILE B 175 -7.76 3.33 -18.33
CA ILE B 175 -7.24 4.40 -19.16
C ILE B 175 -8.37 5.06 -19.94
N LYS B 176 -9.29 4.27 -20.49
CA LYS B 176 -10.40 4.84 -21.23
C LYS B 176 -11.36 5.58 -20.31
N GLU B 177 -11.38 5.24 -19.03
CA GLU B 177 -12.13 6.02 -18.06
C GLU B 177 -11.47 7.38 -17.77
N GLY B 178 -10.29 7.64 -18.33
CA GLY B 178 -9.57 8.86 -18.04
C GLY B 178 -8.69 8.82 -16.81
N LYS B 179 -8.55 7.67 -16.15
CA LYS B 179 -7.68 7.60 -14.99
C LYS B 179 -6.22 7.65 -15.44
N ARG B 180 -5.42 8.45 -14.74
CA ARG B 180 -3.99 8.49 -14.99
C ARG B 180 -3.32 7.32 -14.28
N VAL B 181 -2.73 6.42 -15.06
CA VAL B 181 -2.26 5.13 -14.57
C VAL B 181 -0.76 5.18 -14.35
N LEU B 182 -0.31 4.66 -13.21
CA LEU B 182 1.09 4.33 -12.98
C LEU B 182 1.25 2.82 -12.86
N ILE B 183 2.27 2.27 -13.52
CA ILE B 183 2.57 0.85 -13.47
C ILE B 183 4.00 0.67 -12.99
N ALA B 184 4.15 0.02 -11.84
CA ALA B 184 5.47 -0.30 -11.28
C ALA B 184 5.63 -1.80 -11.36
N ALA B 185 6.42 -2.28 -12.32
CA ALA B 185 6.60 -3.72 -12.41
C ALA B 185 8.04 -4.12 -12.75
N HIS B 186 8.18 -5.12 -13.62
CA HIS B 186 9.44 -5.78 -13.91
C HIS B 186 9.73 -5.70 -15.40
N GLY B 187 11.02 -5.76 -15.75
CA GLY B 187 11.44 -5.59 -17.14
C GLY B 187 10.65 -6.48 -18.09
N ASN B 188 10.50 -7.75 -17.75
CA ASN B 188 9.89 -8.66 -18.71
C ASN B 188 8.38 -8.50 -18.79
N SER B 189 7.71 -8.18 -17.68
CA SER B 189 6.27 -7.98 -17.75
C SER B 189 5.94 -6.65 -18.42
N LEU B 190 6.75 -5.63 -18.17
CA LEU B 190 6.61 -4.37 -18.90
C LEU B 190 6.89 -4.55 -20.41
N ARG B 191 7.80 -5.48 -20.76
CA ARG B 191 8.07 -5.78 -22.16
C ARG B 191 6.81 -6.17 -22.91
N GLY B 192 5.92 -6.94 -22.27
CA GLY B 192 4.72 -7.34 -22.95
C GLY B 192 3.80 -6.16 -23.23
N ILE B 193 3.72 -5.23 -22.29
CA ILE B 193 2.95 -4.01 -22.51
C ILE B 193 3.56 -3.19 -23.64
N VAL B 194 4.88 -3.07 -23.66
CA VAL B 194 5.53 -2.28 -24.70
C VAL B 194 5.35 -2.97 -26.06
N LYS B 195 5.57 -4.28 -26.11
CA LYS B 195 5.39 -5.05 -27.34
C LYS B 195 4.00 -4.85 -27.91
N HIS B 196 2.97 -4.98 -27.05
CA HIS B 196 1.60 -4.81 -27.53
C HIS B 196 1.32 -3.37 -27.97
N LEU B 197 1.70 -2.40 -27.13
CA LEU B 197 1.48 -0.99 -27.44
C LEU B 197 2.06 -0.60 -28.79
N GLU B 198 3.28 -1.06 -29.08
CA GLU B 198 3.98 -0.65 -30.30
C GLU B 198 3.93 -1.68 -31.41
N GLY B 199 3.37 -2.87 -31.17
CA GLY B 199 3.40 -3.89 -32.20
C GLY B 199 4.79 -4.36 -32.56
N LEU B 200 5.66 -4.57 -31.58
CA LEU B 200 7.03 -4.99 -31.86
C LEU B 200 7.08 -6.47 -32.20
N SER B 201 8.15 -6.85 -32.91
CA SER B 201 8.37 -8.25 -33.21
C SER B 201 9.04 -8.94 -32.04
N GLU B 202 9.09 -10.28 -32.11
CA GLU B 202 9.80 -11.03 -31.08
C GLU B 202 11.26 -10.62 -30.99
N GLU B 203 11.91 -10.46 -32.15
CA GLU B 203 13.29 -10.02 -32.18
C GLU B 203 13.45 -8.66 -31.52
N ALA B 204 12.60 -7.70 -31.93
CA ALA B 204 12.74 -6.34 -31.44
C ALA B 204 12.48 -6.24 -29.95
N ILE B 205 11.50 -7.00 -29.45
CA ILE B 205 11.22 -6.91 -28.01
C ILE B 205 12.34 -7.57 -27.22
N MET B 206 12.95 -8.63 -27.76
CA MET B 206 14.12 -9.16 -27.07
C MET B 206 15.31 -8.22 -27.15
N GLU B 207 15.33 -7.32 -28.13
CA GLU B 207 16.40 -6.33 -28.16
C GLU B 207 16.18 -5.19 -27.19
N LEU B 208 14.94 -4.95 -26.75
CA LEU B 208 14.62 -3.80 -25.92
C LEU B 208 14.95 -4.09 -24.46
N ASN B 209 15.82 -3.28 -23.86
CA ASN B 209 16.13 -3.37 -22.44
C ASN B 209 15.72 -2.08 -21.76
N LEU B 210 14.68 -2.14 -20.94
CA LEU B 210 14.13 -0.93 -20.34
C LEU B 210 15.02 -0.48 -19.18
N PRO B 211 15.38 0.80 -19.10
CA PRO B 211 16.16 1.27 -17.96
C PRO B 211 15.36 1.14 -16.67
N THR B 212 16.09 1.11 -15.57
CA THR B 212 15.53 0.87 -14.24
C THR B 212 15.41 2.18 -13.48
N GLY B 213 14.36 2.29 -12.67
CA GLY B 213 14.18 3.44 -11.80
C GLY B 213 13.83 4.73 -12.50
N ILE B 214 13.54 4.69 -13.79
CA ILE B 214 13.30 5.83 -14.66
C ILE B 214 11.83 5.83 -15.04
N PRO B 215 11.08 6.90 -14.74
CA PRO B 215 9.72 7.00 -15.31
C PRO B 215 9.80 6.93 -16.82
N ILE B 216 9.02 6.02 -17.40
CA ILE B 216 8.85 5.87 -18.84
C ILE B 216 7.45 6.36 -19.18
N VAL B 217 7.38 7.36 -20.06
CA VAL B 217 6.14 8.06 -20.36
C VAL B 217 5.67 7.70 -21.77
N TYR B 218 4.42 7.28 -21.89
CA TYR B 218 3.76 7.08 -23.17
C TYR B 218 2.64 8.11 -23.32
N GLU B 219 2.48 8.62 -24.54
CA GLU B 219 1.35 9.45 -24.92
C GLU B 219 0.54 8.66 -25.94
N LEU B 220 -0.71 8.37 -25.59
CA LEU B 220 -1.54 7.44 -26.35
C LEU B 220 -2.76 8.15 -26.94
N ASP B 221 -3.10 7.80 -28.17
CA ASP B 221 -4.26 8.37 -28.84
C ASP B 221 -5.52 7.64 -28.39
N LYS B 222 -6.65 7.98 -29.02
CA LYS B 222 -7.92 7.41 -28.60
C LYS B 222 -8.00 5.91 -28.83
N ASN B 223 -7.17 5.36 -29.71
CA ASN B 223 -7.05 3.92 -29.87
C ASN B 223 -5.99 3.31 -28.97
N LEU B 224 -5.50 4.07 -27.99
CA LEU B 224 -4.40 3.64 -27.12
C LEU B 224 -3.16 3.25 -27.92
N LYS B 225 -2.97 3.85 -29.09
CA LYS B 225 -1.71 3.69 -29.80
C LYS B 225 -0.77 4.83 -29.46
N PRO B 226 0.50 4.55 -29.18
CA PRO B 226 1.44 5.64 -28.89
C PRO B 226 1.55 6.59 -30.08
N ILE B 227 1.57 7.90 -29.79
CA ILE B 227 1.72 8.89 -30.86
C ILE B 227 3.18 9.22 -31.15
N LYS B 228 4.13 8.62 -30.42
CA LYS B 228 5.56 8.91 -30.54
C LYS B 228 6.32 7.93 -29.65
N PRO B 229 7.65 7.81 -29.79
CA PRO B 229 8.38 6.82 -28.98
C PRO B 229 8.30 7.12 -27.48
N MET B 230 8.54 6.09 -26.68
CA MET B 230 8.50 6.27 -25.23
C MET B 230 9.50 7.35 -24.82
N GLN B 231 9.18 8.08 -23.76
CA GLN B 231 10.06 9.13 -23.28
C GLN B 231 10.40 8.88 -21.81
N PHE B 232 11.54 9.44 -21.38
CA PHE B 232 12.04 9.20 -20.04
C PHE B 232 12.09 10.52 -19.26
N LEU B 233 11.86 10.41 -17.95
CA LEU B 233 11.91 11.54 -17.04
C LEU B 233 13.16 11.47 -16.18
N GLY B 234 13.80 12.61 -15.98
CA GLY B 234 14.94 12.71 -15.10
C GLY B 234 15.93 13.72 -15.62
N ASP B 235 16.98 14.01 -14.85
CA ASP B 235 18.01 14.91 -15.33
C ASP B 235 18.64 14.33 -16.59
N GLU B 236 19.25 15.22 -17.38
CA GLU B 236 19.71 14.86 -18.71
C GLU B 236 20.73 13.72 -18.69
N GLU B 237 21.57 13.65 -17.66
CA GLU B 237 22.48 12.52 -17.50
C GLU B 237 21.72 11.20 -17.55
N THR B 238 20.81 11.03 -16.60
CA THR B 238 20.07 9.79 -16.46
C THR B 238 19.06 9.63 -17.59
#